data_2EJ9
#
_entry.id   2EJ9
#
_cell.length_a   117.114
_cell.length_b   61.843
_cell.length_c   42.438
_cell.angle_alpha   90.00
_cell.angle_beta   96.74
_cell.angle_gamma   90.00
#
_symmetry.space_group_name_H-M   'C 1 2 1'
#
loop_
_entity.id
_entity.type
_entity.pdbx_description
1 polymer 'Putative biotin ligase'
2 non-polymer BIOTIN
3 water water
#
_entity_poly.entity_id   1
_entity_poly.type   'polypeptide(L)'
_entity_poly.pdbx_seq_one_letter_code
;MEIIHLSEIDSTNDYAKELAKEGKRNFIVLADKQNNGKGRWGRVWYSDEGGLYFSMVLDSKLYNPKVINLLVPICIIEVL
KNYVDKELGLKFPNDIMVKVNDNYKKLGGILTELTDDYMIIGIGINVNNQIRNEIREIAISLKEITGKELDKVEILSNFL
KTFESYLEKLKNKEIDDYEILKKYKKYSITIGKQVKILLSNNEIITGKVYDIDFDGIVLGTEKGIERIPSGICIHVR
;
_entity_poly.pdbx_strand_id   A
#
loop_
_chem_comp.id
_chem_comp.type
_chem_comp.name
_chem_comp.formula
BTN non-polymer BIOTIN 'C10 H16 N2 O3 S'
#
# COMPACT_ATOMS: atom_id res chain seq x y z
N MET A 1 -14.24 -0.53 -13.95
CA MET A 1 -12.83 -0.93 -14.20
C MET A 1 -12.77 -2.43 -14.45
N GLU A 2 -12.32 -2.80 -15.64
CA GLU A 2 -12.22 -4.21 -16.03
C GLU A 2 -11.34 -5.00 -15.07
N ILE A 3 -11.82 -6.17 -14.65
CA ILE A 3 -11.07 -7.03 -13.74
C ILE A 3 -10.80 -8.40 -14.35
N ILE A 4 -9.51 -8.73 -14.45
CA ILE A 4 -9.10 -10.02 -14.97
C ILE A 4 -8.85 -10.86 -13.73
N HIS A 5 -9.77 -11.79 -13.44
CA HIS A 5 -9.64 -12.62 -12.26
C HIS A 5 -9.03 -13.98 -12.57
N LEU A 6 -7.81 -14.18 -12.10
CA LEU A 6 -7.07 -15.41 -12.33
C LEU A 6 -7.03 -16.28 -11.08
N SER A 7 -6.87 -17.60 -11.29
CA SER A 7 -6.78 -18.53 -10.18
C SER A 7 -5.37 -18.46 -9.60
N GLU A 8 -4.39 -18.30 -10.49
CA GLU A 8 -3.00 -18.18 -10.06
C GLU A 8 -2.18 -17.51 -11.13
N ILE A 9 -1.04 -16.94 -10.74
CA ILE A 9 -0.16 -16.25 -11.67
C ILE A 9 1.16 -16.10 -10.94
N ASP A 10 2.23 -15.75 -11.65
CA ASP A 10 3.51 -15.57 -10.98
C ASP A 10 3.37 -14.35 -10.06
N SER A 11 2.96 -13.23 -10.66
CA SER A 11 2.77 -11.98 -9.93
C SER A 11 1.77 -11.13 -10.69
N THR A 12 0.77 -10.57 -10.01
CA THR A 12 -0.20 -9.73 -10.69
C THR A 12 0.48 -8.47 -11.24
N ASN A 13 1.50 -8.00 -10.54
CA ASN A 13 2.23 -6.80 -10.99
C ASN A 13 2.94 -7.09 -12.31
N ASP A 14 3.71 -8.18 -12.35
CA ASP A 14 4.44 -8.53 -13.57
C ASP A 14 3.49 -8.79 -14.74
N TYR A 15 2.37 -9.47 -14.50
CA TYR A 15 1.45 -9.75 -15.59
C TYR A 15 0.72 -8.49 -16.04
N ALA A 16 0.36 -7.64 -15.09
CA ALA A 16 -0.30 -6.39 -15.43
C ALA A 16 0.64 -5.52 -16.27
N LYS A 17 1.94 -5.65 -16.01
CA LYS A 17 2.91 -4.86 -16.77
C LYS A 17 3.05 -5.32 -18.22
N GLU A 18 3.00 -6.63 -18.46
CA GLU A 18 3.10 -7.15 -19.83
C GLU A 18 1.90 -6.63 -20.62
N LEU A 19 0.72 -6.75 -20.02
CA LEU A 19 -0.51 -6.30 -20.67
C LEU A 19 -0.51 -4.79 -20.89
N ALA A 20 0.03 -4.05 -19.92
CA ALA A 20 0.10 -2.60 -20.04
C ALA A 20 1.08 -2.20 -21.13
N LYS A 21 2.18 -2.94 -21.23
CA LYS A 21 3.18 -2.67 -22.25
C LYS A 21 2.56 -2.78 -23.65
N GLU A 22 1.63 -3.72 -23.80
CA GLU A 22 0.97 -3.95 -25.08
C GLU A 22 -0.21 -3.03 -25.37
N GLY A 23 -0.51 -2.11 -24.47
CA GLY A 23 -1.61 -1.21 -24.71
C GLY A 23 -2.77 -1.12 -23.73
N LYS A 24 -3.03 -2.17 -22.95
CA LYS A 24 -4.16 -2.10 -22.02
C LYS A 24 -4.00 -1.08 -20.91
N ARG A 25 -5.13 -0.45 -20.56
CA ARG A 25 -5.19 0.58 -19.53
C ARG A 25 -6.48 0.42 -18.72
N ASN A 26 -6.50 1.04 -17.55
CA ASN A 26 -7.67 1.03 -16.68
C ASN A 26 -8.26 -0.36 -16.48
N PHE A 27 -7.45 -1.25 -15.92
CA PHE A 27 -7.89 -2.61 -15.65
C PHE A 27 -7.16 -3.12 -14.42
N ILE A 28 -7.66 -4.22 -13.89
CA ILE A 28 -7.09 -4.85 -12.71
C ILE A 28 -6.77 -6.31 -12.99
N VAL A 29 -5.68 -6.78 -12.41
CA VAL A 29 -5.33 -8.19 -12.52
C VAL A 29 -5.43 -8.71 -11.09
N LEU A 30 -6.41 -9.58 -10.85
CA LEU A 30 -6.62 -10.18 -9.54
C LEU A 30 -6.26 -11.66 -9.61
N ALA A 31 -5.56 -12.17 -8.59
CA ALA A 31 -5.17 -13.58 -8.57
C ALA A 31 -5.43 -14.18 -7.18
N ASP A 32 -6.08 -15.35 -7.15
CA ASP A 32 -6.39 -15.98 -5.87
C ASP A 32 -5.10 -16.35 -5.14
N LYS A 33 -4.03 -16.58 -5.88
CA LYS A 33 -2.75 -16.90 -5.27
C LYS A 33 -1.62 -16.55 -6.24
N GLN A 34 -0.44 -16.28 -5.70
CA GLN A 34 0.72 -15.92 -6.52
C GLN A 34 1.86 -16.90 -6.22
N ASN A 35 2.54 -17.35 -7.27
CA ASN A 35 3.64 -18.28 -7.11
C ASN A 35 4.96 -17.56 -6.87
N ASN A 36 4.99 -16.27 -7.20
CA ASN A 36 6.20 -15.48 -7.02
C ASN A 36 5.86 -14.03 -6.67
N GLY A 37 5.01 -13.86 -5.67
CA GLY A 37 4.60 -12.53 -5.24
C GLY A 37 5.77 -11.67 -4.79
N LYS A 38 5.78 -10.40 -5.17
CA LYS A 38 6.88 -9.52 -4.80
C LYS A 38 6.54 -8.33 -3.90
N GLY A 39 7.46 -8.02 -3.01
CA GLY A 39 7.30 -6.88 -2.13
C GLY A 39 8.33 -5.86 -2.55
N ARG A 40 8.42 -4.76 -1.82
CA ARG A 40 9.37 -3.71 -2.15
C ARG A 40 10.83 -4.16 -2.00
N TRP A 41 11.64 -3.64 -2.95
CA TRP A 41 13.05 -3.98 -2.88
C TRP A 41 13.57 -5.38 -2.59
N GLY A 42 13.16 -6.30 -3.49
CA GLY A 42 13.60 -7.67 -3.31
C GLY A 42 12.87 -8.58 -2.31
N ARG A 43 11.83 -8.04 -1.69
CA ARG A 43 11.09 -8.81 -0.71
C ARG A 43 10.15 -9.81 -1.38
N VAL A 44 9.99 -10.97 -0.75
CA VAL A 44 9.06 -11.96 -1.26
C VAL A 44 7.76 -11.61 -0.54
N TRP A 45 6.63 -11.83 -1.21
CA TRP A 45 5.33 -11.57 -0.61
C TRP A 45 4.56 -12.88 -0.67
N TYR A 46 4.46 -13.55 0.48
CA TYR A 46 3.75 -14.82 0.54
C TYR A 46 2.31 -14.59 0.11
N SER A 47 1.91 -15.32 -0.92
CA SER A 47 0.59 -15.16 -1.49
C SER A 47 -0.21 -16.45 -1.53
N ASP A 48 -0.51 -17.01 -0.36
CA ASP A 48 -1.28 -18.24 -0.31
C ASP A 48 -2.77 -17.95 -0.46
N GLU A 49 -3.53 -18.97 -0.87
CA GLU A 49 -4.97 -18.85 -1.05
C GLU A 49 -5.59 -18.18 0.17
N GLY A 50 -6.57 -17.32 -0.06
CA GLY A 50 -7.23 -16.62 1.03
C GLY A 50 -6.89 -15.13 1.09
N GLY A 51 -5.73 -14.76 0.56
CA GLY A 51 -5.34 -13.36 0.56
C GLY A 51 -5.89 -12.60 -0.63
N LEU A 52 -5.80 -11.28 -0.58
CA LEU A 52 -6.27 -10.44 -1.66
C LEU A 52 -5.02 -9.88 -2.36
N TYR A 53 -4.84 -10.28 -3.62
CA TYR A 53 -3.68 -9.86 -4.40
C TYR A 53 -4.14 -9.33 -5.74
N PHE A 54 -3.96 -8.03 -5.97
CA PHE A 54 -4.36 -7.47 -7.26
C PHE A 54 -3.50 -6.27 -7.64
N SER A 55 -3.50 -5.95 -8.93
CA SER A 55 -2.74 -4.83 -9.44
C SER A 55 -3.63 -3.98 -10.34
N MET A 56 -3.67 -2.68 -10.06
CA MET A 56 -4.45 -1.74 -10.83
C MET A 56 -3.54 -1.01 -11.79
N VAL A 57 -3.96 -0.93 -13.04
CA VAL A 57 -3.18 -0.23 -14.07
C VAL A 57 -3.98 1.03 -14.37
N LEU A 58 -3.37 2.18 -14.16
CA LEU A 58 -4.02 3.47 -14.38
C LEU A 58 -3.22 4.32 -15.34
N ASP A 59 -3.91 5.20 -16.06
CA ASP A 59 -3.26 6.11 -16.99
C ASP A 59 -2.43 7.10 -16.17
N SER A 60 -1.13 7.11 -16.46
CA SER A 60 -0.18 8.00 -15.77
C SER A 60 -0.65 9.44 -15.69
N LYS A 61 -1.47 9.85 -16.65
CA LYS A 61 -1.96 11.23 -16.66
C LYS A 61 -3.42 11.35 -16.24
N LEU A 62 -3.90 10.34 -15.52
CA LEU A 62 -5.28 10.34 -15.03
C LEU A 62 -5.35 11.40 -13.94
N TYR A 63 -4.30 11.43 -13.13
CA TYR A 63 -4.19 12.40 -12.05
C TYR A 63 -2.75 12.37 -11.57
N ASN A 64 -2.41 13.31 -10.70
CA ASN A 64 -1.06 13.40 -10.16
C ASN A 64 -0.70 12.07 -9.48
N PRO A 65 0.32 11.36 -10.01
CA PRO A 65 0.74 10.07 -9.43
C PRO A 65 1.10 10.20 -7.95
N LYS A 66 1.72 11.31 -7.60
CA LYS A 66 2.12 11.53 -6.21
C LYS A 66 0.91 11.64 -5.30
N VAL A 67 -0.21 12.13 -5.84
CA VAL A 67 -1.42 12.24 -5.04
C VAL A 67 -2.05 10.84 -4.94
N ILE A 68 -2.06 10.13 -6.07
CA ILE A 68 -2.61 8.78 -6.11
C ILE A 68 -1.88 7.89 -5.09
N ASN A 69 -0.56 8.04 -5.01
CA ASN A 69 0.25 7.25 -4.08
C ASN A 69 -0.24 7.36 -2.64
N LEU A 70 -0.77 8.52 -2.27
CA LEU A 70 -1.28 8.73 -0.91
C LEU A 70 -2.73 8.30 -0.81
N LEU A 71 -3.45 8.43 -1.91
CA LEU A 71 -4.87 8.07 -1.92
C LEU A 71 -5.10 6.58 -1.69
N VAL A 72 -4.31 5.74 -2.35
CA VAL A 72 -4.46 4.29 -2.23
C VAL A 72 -4.42 3.80 -0.78
N PRO A 73 -3.35 4.10 -0.03
CA PRO A 73 -3.33 3.62 1.36
C PRO A 73 -4.52 4.15 2.17
N ILE A 74 -4.89 5.40 1.92
CA ILE A 74 -6.02 6.03 2.60
C ILE A 74 -7.30 5.21 2.39
N CYS A 75 -7.56 4.83 1.15
CA CYS A 75 -8.75 4.06 0.83
C CYS A 75 -8.75 2.70 1.51
N ILE A 76 -7.59 2.04 1.51
CA ILE A 76 -7.50 0.75 2.15
C ILE A 76 -7.86 0.90 3.63
N ILE A 77 -7.29 1.92 4.27
CA ILE A 77 -7.56 2.17 5.69
C ILE A 77 -9.05 2.33 5.95
N GLU A 78 -9.66 3.28 5.25
CA GLU A 78 -11.07 3.55 5.44
C GLU A 78 -11.97 2.37 5.13
N VAL A 79 -11.54 1.50 4.23
CA VAL A 79 -12.36 0.34 3.92
C VAL A 79 -12.21 -0.73 5.00
N LEU A 80 -10.99 -0.97 5.46
CA LEU A 80 -10.78 -1.99 6.50
C LEU A 80 -11.39 -1.58 7.84
N LYS A 81 -11.55 -0.28 8.06
CA LYS A 81 -12.15 0.21 9.30
C LYS A 81 -13.53 -0.40 9.50
N ASN A 82 -14.23 -0.69 8.40
CA ASN A 82 -15.57 -1.27 8.46
C ASN A 82 -15.56 -2.71 8.96
N TYR A 83 -14.39 -3.34 8.95
CA TYR A 83 -14.28 -4.74 9.39
C TYR A 83 -13.52 -4.93 10.70
N VAL A 84 -12.64 -4.00 11.03
CA VAL A 84 -11.84 -4.13 12.25
C VAL A 84 -12.07 -2.99 13.23
N ASP A 85 -12.16 -3.34 14.51
CA ASP A 85 -12.38 -2.35 15.56
C ASP A 85 -11.04 -1.82 16.07
N LYS A 86 -9.98 -2.60 15.86
CA LYS A 86 -8.65 -2.21 16.31
C LYS A 86 -8.07 -1.07 15.49
N GLU A 87 -7.08 -0.41 16.08
CA GLU A 87 -6.40 0.73 15.48
C GLU A 87 -5.65 0.36 14.21
N LEU A 88 -5.88 1.13 13.15
CA LEU A 88 -5.22 0.90 11.86
C LEU A 88 -4.30 2.09 11.60
N GLY A 89 -3.16 1.83 10.97
CA GLY A 89 -2.23 2.92 10.69
C GLY A 89 -1.37 2.68 9.46
N LEU A 90 -0.64 3.71 9.05
CA LEU A 90 0.23 3.61 7.88
C LEU A 90 1.66 3.81 8.31
N LYS A 91 2.48 2.81 7.99
CA LYS A 91 3.89 2.87 8.32
C LYS A 91 4.62 3.19 7.02
N PHE A 92 5.41 4.25 7.05
CA PHE A 92 6.15 4.68 5.88
C PHE A 92 7.01 3.55 5.31
N PRO A 93 6.99 3.35 4.00
CA PRO A 93 6.21 4.12 3.02
C PRO A 93 4.70 3.82 3.02
N ASN A 94 4.35 2.58 2.67
CA ASN A 94 2.96 2.18 2.58
C ASN A 94 2.52 0.88 3.25
N ASP A 95 3.17 0.50 4.35
CA ASP A 95 2.75 -0.72 5.02
C ASP A 95 1.43 -0.44 5.71
N ILE A 96 0.47 -1.35 5.54
CA ILE A 96 -0.84 -1.19 6.18
C ILE A 96 -0.69 -1.93 7.49
N MET A 97 -0.82 -1.21 8.60
CA MET A 97 -0.64 -1.79 9.93
C MET A 97 -1.87 -1.83 10.82
N VAL A 98 -1.86 -2.76 11.78
CA VAL A 98 -2.93 -2.90 12.76
C VAL A 98 -2.27 -3.02 14.13
N LYS A 99 -2.79 -2.33 15.12
CA LYS A 99 -2.21 -2.38 16.46
C LYS A 99 -2.72 -3.61 17.20
N VAL A 100 -1.78 -4.39 17.72
CA VAL A 100 -2.10 -5.61 18.47
C VAL A 100 -1.27 -5.63 19.75
N ASN A 101 -1.94 -5.55 20.91
CA ASN A 101 -1.24 -5.59 22.19
C ASN A 101 -0.09 -4.59 22.30
N ASP A 102 -0.36 -3.31 22.05
CA ASP A 102 0.70 -2.31 22.16
C ASP A 102 1.77 -2.59 21.09
N ASN A 103 1.40 -3.37 20.08
CA ASN A 103 2.30 -3.77 19.01
C ASN A 103 1.66 -3.57 17.64
N TYR A 104 2.43 -3.18 16.64
CA TYR A 104 1.88 -3.01 15.30
C TYR A 104 2.32 -4.18 14.43
N LYS A 105 1.38 -4.77 13.70
CA LYS A 105 1.69 -5.87 12.80
C LYS A 105 1.17 -5.51 11.41
N LYS A 106 1.87 -5.99 10.39
CA LYS A 106 1.53 -5.71 9.00
C LYS A 106 0.42 -6.57 8.41
N LEU A 107 -0.62 -5.90 7.94
CA LEU A 107 -1.80 -6.52 7.32
C LEU A 107 -1.69 -6.53 5.80
N GLY A 108 -0.90 -5.62 5.25
CA GLY A 108 -0.77 -5.56 3.81
C GLY A 108 0.28 -4.56 3.36
N GLY A 109 0.51 -4.52 2.06
CA GLY A 109 1.50 -3.61 1.52
C GLY A 109 1.17 -3.19 0.10
N ILE A 110 1.90 -2.19 -0.38
CA ILE A 110 1.68 -1.65 -1.71
C ILE A 110 2.99 -1.52 -2.46
N LEU A 111 3.01 -2.02 -3.70
CA LEU A 111 4.18 -1.96 -4.55
C LEU A 111 3.74 -1.23 -5.82
N THR A 112 4.33 -0.07 -6.06
CA THR A 112 3.95 0.73 -7.21
C THR A 112 5.08 0.98 -8.20
N GLU A 113 4.73 0.94 -9.48
CA GLU A 113 5.67 1.18 -10.57
C GLU A 113 5.03 2.20 -11.49
N LEU A 114 5.77 3.27 -11.80
CA LEU A 114 5.26 4.32 -12.66
C LEU A 114 6.04 4.44 -13.97
N THR A 115 5.32 4.55 -15.07
CA THR A 115 5.94 4.73 -16.38
C THR A 115 5.37 6.02 -16.93
N ASP A 116 5.86 6.45 -18.08
CA ASP A 116 5.38 7.69 -18.68
C ASP A 116 3.87 7.73 -18.92
N ASP A 117 3.30 6.64 -19.43
CA ASP A 117 1.88 6.63 -19.72
C ASP A 117 0.98 5.87 -18.76
N TYR A 118 1.57 5.09 -17.86
CA TYR A 118 0.74 4.33 -16.92
C TYR A 118 1.45 4.00 -15.62
N MET A 119 0.68 3.71 -14.59
CA MET A 119 1.26 3.34 -13.31
C MET A 119 0.58 2.04 -12.91
N ILE A 120 1.35 1.15 -12.30
CA ILE A 120 0.85 -0.14 -11.85
C ILE A 120 0.88 -0.11 -10.33
N ILE A 121 -0.27 -0.27 -9.70
CA ILE A 121 -0.37 -0.25 -8.25
C ILE A 121 -0.72 -1.65 -7.75
N GLY A 122 0.27 -2.33 -7.15
CA GLY A 122 0.06 -3.66 -6.64
C GLY A 122 -0.32 -3.64 -5.17
N ILE A 123 -1.44 -4.27 -4.85
CA ILE A 123 -1.93 -4.28 -3.48
C ILE A 123 -2.11 -5.70 -2.94
N GLY A 124 -1.52 -5.94 -1.79
CA GLY A 124 -1.64 -7.24 -1.17
C GLY A 124 -2.20 -7.05 0.22
N ILE A 125 -3.30 -7.73 0.52
CA ILE A 125 -3.91 -7.63 1.84
C ILE A 125 -4.15 -9.03 2.38
N ASN A 126 -3.70 -9.27 3.60
CA ASN A 126 -3.87 -10.57 4.24
C ASN A 126 -5.31 -10.65 4.76
N VAL A 127 -6.15 -11.41 4.08
CA VAL A 127 -7.54 -11.54 4.49
C VAL A 127 -7.78 -12.86 5.22
N ASN A 128 -7.89 -13.95 4.49
CA ASN A 128 -8.12 -15.27 5.09
C ASN A 128 -6.93 -16.21 4.98
N ASN A 129 -5.83 -15.74 4.40
CA ASN A 129 -4.66 -16.60 4.25
C ASN A 129 -3.97 -16.80 5.60
N GLN A 130 -3.36 -17.97 5.76
CA GLN A 130 -2.66 -18.28 7.01
C GLN A 130 -1.22 -17.74 6.96
N ILE A 131 -0.87 -16.95 7.97
CA ILE A 131 0.46 -16.35 8.07
C ILE A 131 1.46 -17.38 8.59
N ARG A 132 2.60 -17.51 7.91
CA ARG A 132 3.65 -18.46 8.30
C ARG A 132 3.97 -18.24 9.78
N ASN A 133 4.08 -19.33 10.52
CA ASN A 133 4.38 -19.25 11.95
C ASN A 133 5.52 -18.30 12.31
N GLU A 134 6.62 -18.37 11.55
CA GLU A 134 7.78 -17.52 11.83
C GLU A 134 7.53 -16.01 11.83
N ILE A 135 6.82 -15.51 10.82
CA ILE A 135 6.57 -14.07 10.76
C ILE A 135 5.28 -13.61 11.41
N ARG A 136 4.61 -14.52 12.11
CA ARG A 136 3.37 -14.15 12.77
C ARG A 136 3.68 -13.07 13.81
N GLU A 137 4.97 -12.84 14.01
CA GLU A 137 5.43 -11.84 14.96
C GLU A 137 5.24 -10.43 14.39
N ILE A 138 5.48 -10.29 13.08
CA ILE A 138 5.36 -8.99 12.44
C ILE A 138 4.23 -8.85 11.41
N ALA A 139 3.59 -9.95 11.06
CA ALA A 139 2.49 -9.93 10.09
C ALA A 139 1.23 -10.60 10.64
N ILE A 140 0.07 -10.17 10.17
CA ILE A 140 -1.20 -10.74 10.64
C ILE A 140 -2.26 -10.69 9.54
N SER A 141 -3.34 -11.45 9.70
CA SER A 141 -4.40 -11.46 8.71
C SER A 141 -5.69 -10.92 9.34
N LEU A 142 -6.62 -10.46 8.51
CA LEU A 142 -7.87 -9.93 9.00
C LEU A 142 -8.68 -11.04 9.71
N LYS A 143 -8.54 -12.26 9.22
CA LYS A 143 -9.27 -13.38 9.81
C LYS A 143 -8.83 -13.62 11.25
N GLU A 144 -7.53 -13.47 11.52
CA GLU A 144 -6.99 -13.66 12.86
C GLU A 144 -7.54 -12.60 13.80
N ILE A 145 -7.72 -11.39 13.28
CA ILE A 145 -8.21 -10.27 14.06
C ILE A 145 -9.71 -10.33 14.35
N THR A 146 -10.50 -10.53 13.31
CA THR A 146 -11.95 -10.57 13.44
C THR A 146 -12.51 -11.90 13.92
N GLY A 147 -11.83 -12.99 13.59
CA GLY A 147 -12.31 -14.30 13.99
C GLY A 147 -13.31 -14.84 13.00
N LYS A 148 -13.39 -14.21 11.83
CA LYS A 148 -14.31 -14.65 10.80
C LYS A 148 -13.74 -14.50 9.39
N GLU A 149 -14.17 -15.38 8.49
CA GLU A 149 -13.74 -15.34 7.11
C GLU A 149 -14.40 -14.14 6.43
N LEU A 150 -13.60 -13.22 5.91
CA LEU A 150 -14.16 -12.05 5.25
C LEU A 150 -14.32 -12.31 3.75
N ASP A 151 -15.19 -11.55 3.11
CA ASP A 151 -15.43 -11.70 1.69
C ASP A 151 -14.46 -10.81 0.92
N LYS A 152 -13.51 -11.43 0.22
CA LYS A 152 -12.51 -10.70 -0.56
C LYS A 152 -13.16 -9.93 -1.71
N VAL A 153 -14.29 -10.44 -2.19
CA VAL A 153 -15.00 -9.80 -3.29
C VAL A 153 -15.53 -8.47 -2.81
N GLU A 154 -16.19 -8.48 -1.64
CA GLU A 154 -16.74 -7.25 -1.09
C GLU A 154 -15.64 -6.24 -0.76
N ILE A 155 -14.55 -6.72 -0.16
CA ILE A 155 -13.46 -5.83 0.21
C ILE A 155 -12.93 -5.10 -1.03
N LEU A 156 -12.66 -5.85 -2.10
CA LEU A 156 -12.15 -5.25 -3.32
C LEU A 156 -13.16 -4.24 -3.88
N SER A 157 -14.42 -4.66 -3.93
CA SER A 157 -15.49 -3.80 -4.42
C SER A 157 -15.57 -2.49 -3.65
N ASN A 158 -15.49 -2.56 -2.33
CA ASN A 158 -15.54 -1.33 -1.54
C ASN A 158 -14.30 -0.47 -1.76
N PHE A 159 -13.14 -1.11 -1.88
CA PHE A 159 -11.92 -0.35 -2.13
C PHE A 159 -12.08 0.46 -3.41
N LEU A 160 -12.50 -0.21 -4.48
CA LEU A 160 -12.67 0.45 -5.76
C LEU A 160 -13.67 1.59 -5.71
N LYS A 161 -14.82 1.35 -5.07
CA LYS A 161 -15.85 2.38 -4.95
C LYS A 161 -15.29 3.57 -4.20
N THR A 162 -14.61 3.29 -3.09
CA THR A 162 -14.03 4.35 -2.28
C THR A 162 -13.01 5.14 -3.09
N PHE A 163 -12.11 4.43 -3.77
CA PHE A 163 -11.07 5.03 -4.59
C PHE A 163 -11.66 5.91 -5.70
N GLU A 164 -12.71 5.43 -6.35
CA GLU A 164 -13.31 6.19 -7.43
C GLU A 164 -14.05 7.44 -6.96
N SER A 165 -14.75 7.36 -5.82
CA SER A 165 -15.45 8.54 -5.31
C SER A 165 -14.44 9.62 -4.97
N TYR A 166 -13.29 9.21 -4.42
CA TYR A 166 -12.26 10.20 -4.08
C TYR A 166 -11.73 10.83 -5.35
N LEU A 167 -11.55 10.01 -6.38
CA LEU A 167 -11.07 10.49 -7.67
C LEU A 167 -12.02 11.54 -8.21
N GLU A 168 -13.31 11.25 -8.17
CA GLU A 168 -14.32 12.18 -8.69
C GLU A 168 -14.45 13.46 -7.87
N LYS A 169 -14.10 13.41 -6.58
CA LYS A 169 -14.18 14.58 -5.74
C LYS A 169 -12.96 15.48 -5.93
N LEU A 170 -11.84 14.88 -6.33
CA LEU A 170 -10.61 15.64 -6.56
C LEU A 170 -10.72 16.42 -7.87
N LYS A 171 -11.19 15.74 -8.91
CA LYS A 171 -11.33 16.37 -10.22
C LYS A 171 -12.47 17.38 -10.19
N ASN A 172 -13.53 17.07 -9.46
CA ASN A 172 -14.67 17.97 -9.34
C ASN A 172 -14.27 19.13 -8.42
N LYS A 173 -13.08 19.03 -7.86
CA LYS A 173 -12.55 20.05 -6.96
C LYS A 173 -13.40 20.20 -5.70
N GLU A 174 -13.90 19.09 -5.18
CA GLU A 174 -14.70 19.14 -3.96
C GLU A 174 -13.76 18.98 -2.76
N ILE A 175 -12.55 18.50 -3.03
CA ILE A 175 -11.53 18.32 -2.00
C ILE A 175 -10.17 18.61 -2.63
N ASP A 176 -9.28 19.24 -1.87
CA ASP A 176 -7.94 19.59 -2.36
C ASP A 176 -6.97 18.43 -2.21
N ASP A 177 -5.84 18.53 -2.90
CA ASP A 177 -4.82 17.50 -2.81
C ASP A 177 -4.31 17.46 -1.38
N TYR A 178 -4.14 18.63 -0.77
CA TYR A 178 -3.63 18.70 0.59
C TYR A 178 -4.50 17.93 1.57
N GLU A 179 -5.81 17.93 1.33
CA GLU A 179 -6.70 17.19 2.21
C GLU A 179 -6.40 15.70 2.19
N ILE A 180 -5.95 15.19 1.05
CA ILE A 180 -5.58 13.78 0.96
C ILE A 180 -4.36 13.55 1.85
N LEU A 181 -3.37 14.43 1.72
CA LEU A 181 -2.16 14.34 2.53
C LEU A 181 -2.47 14.41 4.03
N LYS A 182 -3.42 15.26 4.41
CA LYS A 182 -3.81 15.39 5.83
C LYS A 182 -4.37 14.07 6.35
N LYS A 183 -5.12 13.37 5.51
CA LYS A 183 -5.68 12.08 5.89
C LYS A 183 -4.53 11.10 6.08
N TYR A 184 -3.53 11.18 5.21
CA TYR A 184 -2.38 10.29 5.32
C TYR A 184 -1.67 10.53 6.65
N LYS A 185 -1.38 11.79 6.95
CA LYS A 185 -0.70 12.12 8.20
C LYS A 185 -1.50 11.67 9.42
N LYS A 186 -2.81 11.73 9.32
CA LYS A 186 -3.70 11.31 10.41
C LYS A 186 -3.53 9.83 10.72
N TYR A 187 -3.32 9.01 9.69
CA TYR A 187 -3.17 7.57 9.88
C TYR A 187 -1.71 7.13 10.03
N SER A 188 -0.78 8.05 9.79
CA SER A 188 0.64 7.73 9.88
C SER A 188 1.10 7.37 11.28
N ILE A 189 1.74 6.22 11.44
CA ILE A 189 2.27 5.86 12.76
C ILE A 189 3.77 6.12 12.75
N THR A 190 4.26 6.67 11.64
CA THR A 190 5.68 6.95 11.50
C THR A 190 6.09 8.36 11.92
N ILE A 191 5.26 9.35 11.60
CA ILE A 191 5.59 10.72 11.96
C ILE A 191 5.76 10.82 13.48
N GLY A 192 6.81 11.52 13.89
CA GLY A 192 7.08 11.68 15.32
C GLY A 192 7.93 10.57 15.92
N LYS A 193 8.30 9.57 15.11
CA LYS A 193 9.12 8.47 15.61
C LYS A 193 10.60 8.66 15.28
N GLN A 194 11.45 8.03 16.09
CA GLN A 194 12.89 8.08 15.87
C GLN A 194 13.12 6.88 14.96
N VAL A 195 13.77 7.07 13.82
CA VAL A 195 13.98 5.97 12.89
C VAL A 195 15.37 5.87 12.28
N LYS A 196 15.69 4.69 11.77
CA LYS A 196 16.94 4.43 11.07
C LYS A 196 16.46 3.90 9.73
N ILE A 197 16.73 4.67 8.68
CA ILE A 197 16.30 4.28 7.34
C ILE A 197 17.43 3.85 6.44
N LEU A 198 17.30 2.66 5.87
CA LEU A 198 18.30 2.15 4.92
C LEU A 198 17.85 2.57 3.53
N LEU A 199 18.75 3.22 2.79
CA LEU A 199 18.44 3.67 1.43
C LEU A 199 19.07 2.75 0.38
N SER A 200 18.54 2.82 -0.84
CA SER A 200 19.04 2.00 -1.93
C SER A 200 20.49 2.33 -2.33
N ASN A 201 21.04 3.44 -1.83
CA ASN A 201 22.43 3.77 -2.14
C ASN A 201 23.36 3.36 -1.00
N ASN A 202 22.83 2.51 -0.11
CA ASN A 202 23.57 1.98 1.04
C ASN A 202 23.73 2.93 2.21
N GLU A 203 23.21 4.14 2.11
CA GLU A 203 23.31 5.05 3.24
C GLU A 203 22.24 4.69 4.27
N ILE A 204 22.53 4.98 5.53
CA ILE A 204 21.56 4.76 6.58
C ILE A 204 21.36 6.13 7.22
N ILE A 205 20.12 6.61 7.22
CA ILE A 205 19.80 7.91 7.80
C ILE A 205 19.04 7.68 9.09
N THR A 206 19.50 8.34 10.16
CA THR A 206 18.89 8.21 11.47
C THR A 206 18.36 9.56 11.95
N GLY A 207 17.15 9.57 12.50
CA GLY A 207 16.59 10.82 12.98
C GLY A 207 15.12 10.77 13.36
N LYS A 208 14.60 11.93 13.74
CA LYS A 208 13.20 12.08 14.13
C LYS A 208 12.35 12.44 12.93
N VAL A 209 11.25 11.71 12.72
CA VAL A 209 10.39 11.99 11.58
C VAL A 209 9.46 13.17 11.87
N TYR A 210 9.76 14.29 11.22
CA TYR A 210 8.99 15.52 11.38
C TYR A 210 7.75 15.56 10.51
N ASP A 211 7.87 15.01 9.31
CA ASP A 211 6.76 15.08 8.38
C ASP A 211 6.95 14.14 7.19
N ILE A 212 5.85 13.89 6.49
CA ILE A 212 5.81 13.05 5.30
C ILE A 212 4.93 13.84 4.34
N ASP A 213 5.40 14.08 3.13
CA ASP A 213 4.60 14.83 2.16
C ASP A 213 4.44 14.04 0.86
N PHE A 214 4.12 14.72 -0.23
CA PHE A 214 3.94 14.03 -1.50
C PHE A 214 5.24 13.50 -2.09
N ASP A 215 6.37 14.07 -1.66
CA ASP A 215 7.66 13.66 -2.21
C ASP A 215 8.40 12.62 -1.38
N GLY A 216 8.18 12.62 -0.07
CA GLY A 216 8.86 11.65 0.76
C GLY A 216 8.79 11.98 2.22
N ILE A 217 9.80 11.55 2.97
CA ILE A 217 9.84 11.75 4.41
C ILE A 217 10.84 12.84 4.78
N VAL A 218 10.53 13.56 5.87
CA VAL A 218 11.37 14.65 6.35
C VAL A 218 11.87 14.30 7.74
N LEU A 219 13.20 14.28 7.88
CA LEU A 219 13.80 13.90 9.16
C LEU A 219 14.67 14.97 9.80
N GLY A 220 14.67 14.99 11.13
CA GLY A 220 15.52 15.89 11.87
C GLY A 220 16.71 15.02 12.26
N THR A 221 17.85 15.24 11.62
CA THR A 221 19.04 14.44 11.89
C THR A 221 20.16 15.28 12.51
N GLU A 222 21.33 14.65 12.65
CA GLU A 222 22.50 15.32 13.21
C GLU A 222 22.93 16.44 12.25
N LYS A 223 22.68 16.23 10.96
CA LYS A 223 23.04 17.21 9.94
C LYS A 223 21.98 18.30 9.77
N GLY A 224 20.86 18.16 10.47
CA GLY A 224 19.80 19.14 10.35
C GLY A 224 18.54 18.50 9.78
N ILE A 225 17.89 19.16 8.85
CA ILE A 225 16.68 18.63 8.23
C ILE A 225 17.01 17.95 6.92
N GLU A 226 16.65 16.68 6.80
CA GLU A 226 16.92 15.92 5.59
C GLU A 226 15.63 15.37 5.00
N ARG A 227 15.52 15.45 3.68
CA ARG A 227 14.34 14.96 2.99
C ARG A 227 14.73 13.76 2.14
N ILE A 228 13.93 12.70 2.22
CA ILE A 228 14.23 11.49 1.48
C ILE A 228 13.03 11.01 0.69
N PRO A 229 13.22 10.75 -0.63
CA PRO A 229 12.14 10.28 -1.48
C PRO A 229 11.71 8.89 -0.98
N SER A 230 10.41 8.62 -1.01
CA SER A 230 9.91 7.33 -0.53
C SER A 230 10.41 6.13 -1.33
N GLY A 231 10.62 6.34 -2.63
CA GLY A 231 11.05 5.26 -3.51
C GLY A 231 12.43 4.67 -3.27
N ILE A 232 13.30 5.38 -2.57
CA ILE A 232 14.64 4.85 -2.33
C ILE A 232 14.82 4.29 -0.92
N CYS A 233 13.74 4.26 -0.14
CA CYS A 233 13.83 3.74 1.21
C CYS A 233 13.61 2.24 1.19
N ILE A 234 14.66 1.49 1.51
CA ILE A 234 14.59 0.04 1.52
C ILE A 234 14.02 -0.52 2.81
N HIS A 235 14.41 0.06 3.93
CA HIS A 235 13.96 -0.43 5.22
C HIS A 235 13.89 0.69 6.24
N VAL A 236 12.79 0.72 6.99
CA VAL A 236 12.56 1.74 8.00
C VAL A 236 12.38 1.11 9.37
N ARG A 237 13.35 1.30 10.25
CA ARG A 237 13.25 0.74 11.60
C ARG A 237 13.76 1.77 12.61
C11 BTN B . 5.49 -4.49 0.30
O11 BTN B . 6.72 -4.67 0.29
O12 BTN B . 4.85 -4.28 1.39
C10 BTN B . 4.69 -4.50 -0.98
C9 BTN B . 3.84 -5.73 -1.18
C8 BTN B . 3.00 -5.68 -2.45
C7 BTN B . 2.15 -6.93 -2.62
C2 BTN B . 1.24 -6.96 -3.87
S1 BTN B . 0.31 -8.47 -4.01
C6 BTN B . -0.35 -7.84 -5.58
C5 BTN B . 0.93 -7.39 -6.28
N1 BTN B . 1.62 -8.52 -6.91
C3 BTN B . 2.85 -8.68 -6.38
O3 BTN B . 3.65 -9.58 -6.71
N2 BTN B . 3.09 -7.75 -5.41
C4 BTN B . 1.95 -6.85 -5.25
#